data_9HQZ
#
_entry.id   9HQZ
#
_cell.length_a   59.990
_cell.length_b   75.310
_cell.length_c   132.030
_cell.angle_alpha   90.00
_cell.angle_beta   90.00
_cell.angle_gamma   90.00
#
_symmetry.space_group_name_H-M   'P 21 21 21'
#
loop_
_entity.id
_entity.type
_entity.pdbx_description
1 polymer '(+)-T-muurolol synthase ((2E,6E)-farnesyl diphosphate cyclizing)'
2 non-polymer 'MAGNESIUM ION'
3 non-polymer 'PYROPHOSPHATE 2-'
4 non-polymer FARNESYL
5 non-polymer (R,R)-2,3-BUTANEDIOL
6 non-polymer 1,2-ETHANEDIOL
7 water water
#
_entity_poly.entity_id   1
_entity_poly.type   'polypeptide(L)'
_entity_poly.pdbx_seq_one_letter_code
;SDQDYRARLVYPFSGAISPHADIVDQATLAWAAMFGLLTDSLRHKSRRLQYGLLAARAYPRADREMLQIAADWIAWLFFM
DDQCDETGIGRDLQRMIALHERFLAILDGATPEAHDCALTYALADLRRRLALRAPDNWLRRFSEHVRLYFTANRWETVNR
QRGATPNVATYCAARLFSGAVYACFDLIELAEQIELPFYARHHSIVQQLEQAANNIICWCNDVLSYPKEMQHGDRHNLVL
VIQGEHQCSLPEAIDRALDLHAREVATFVRKRTCVPYFDAAVNTALEKYVTGLQFWICANRDWSLTATRYA
;
_entity_poly.pdbx_strand_id   A,B
#
# COMPACT_ATOMS: atom_id res chain seq x y z
N ASP A 4 7.58 16.29 5.55
CA ASP A 4 7.44 15.50 4.31
C ASP A 4 8.71 15.67 3.46
N TYR A 5 9.51 14.61 3.33
CA TYR A 5 10.86 14.62 2.69
C TYR A 5 10.84 13.78 1.40
N ARG A 6 9.65 13.39 0.93
CA ARG A 6 9.39 12.74 -0.39
C ARG A 6 10.32 13.29 -1.48
N ALA A 7 10.30 14.61 -1.66
CA ALA A 7 10.99 15.34 -2.75
C ALA A 7 12.51 15.21 -2.57
N ARG A 8 12.98 14.83 -1.37
CA ARG A 8 14.44 14.72 -1.12
C ARG A 8 14.86 13.26 -1.07
N LEU A 9 13.96 12.33 -1.43
CA LEU A 9 14.20 10.86 -1.45
C LEU A 9 13.94 10.31 -2.87
N VAL A 10 14.55 10.89 -3.88
CA VAL A 10 14.35 10.51 -5.30
C VAL A 10 15.47 9.54 -5.70
N TYR A 11 15.11 8.49 -6.43
CA TYR A 11 16.04 7.51 -7.06
C TYR A 11 15.87 7.60 -8.58
N PRO A 12 16.96 7.47 -9.39
CA PRO A 12 16.84 7.47 -10.85
C PRO A 12 16.32 6.15 -11.44
N PHE A 13 15.79 5.28 -10.57
CA PHE A 13 15.18 3.99 -10.94
C PHE A 13 13.86 3.87 -10.19
N SER A 14 12.92 3.12 -10.75
CA SER A 14 11.60 2.88 -10.16
C SER A 14 11.55 1.44 -9.63
N GLY A 15 10.56 1.17 -8.80
CA GLY A 15 10.30 -0.17 -8.25
C GLY A 15 9.07 -0.79 -8.87
N ALA A 16 8.63 -1.91 -8.32
CA ALA A 16 7.41 -2.62 -8.72
C ALA A 16 6.80 -3.23 -7.46
N ILE A 17 5.55 -3.64 -7.56
CA ILE A 17 4.88 -4.40 -6.47
C ILE A 17 4.28 -5.68 -7.06
N SER A 18 4.38 -6.80 -6.34
CA SER A 18 3.70 -8.07 -6.69
C SER A 18 2.19 -7.86 -6.75
N PRO A 19 1.50 -8.44 -7.75
CA PRO A 19 0.04 -8.40 -7.80
C PRO A 19 -0.62 -9.09 -6.60
N HIS A 20 0.12 -9.93 -5.88
CA HIS A 20 -0.37 -10.76 -4.75
C HIS A 20 -0.34 -9.96 -3.44
N ALA A 21 0.07 -8.69 -3.47
CA ALA A 21 0.47 -7.88 -2.28
C ALA A 21 -0.53 -8.04 -1.13
N ASP A 22 -1.82 -7.84 -1.36
CA ASP A 22 -2.83 -7.75 -0.27
C ASP A 22 -3.16 -9.14 0.30
N ILE A 23 -3.25 -10.19 -0.53
CA ILE A 23 -3.48 -11.59 -0.05
C ILE A 23 -2.25 -12.04 0.75
N VAL A 24 -1.06 -11.67 0.29
CA VAL A 24 0.23 -11.98 0.98
C VAL A 24 0.18 -11.33 2.38
N ASP A 25 -0.27 -10.07 2.47
CA ASP A 25 -0.35 -9.34 3.77
C ASP A 25 -1.33 -10.05 4.71
N GLN A 26 -2.48 -10.48 4.20
CA GLN A 26 -3.50 -11.20 5.02
C GLN A 26 -2.92 -12.54 5.50
N ALA A 27 -2.14 -13.23 4.67
CA ALA A 27 -1.47 -14.50 5.04
C ALA A 27 -0.37 -14.26 6.10
N THR A 28 0.21 -13.06 6.16
CA THR A 28 1.21 -12.68 7.20
C THR A 28 0.47 -12.48 8.54
N LEU A 29 -0.73 -11.91 8.52
CA LEU A 29 -1.52 -11.70 9.76
C LEU A 29 -1.98 -13.04 10.30
N ALA A 30 -2.30 -14.01 9.44
CA ALA A 30 -2.65 -15.39 9.84
C ALA A 30 -1.45 -16.01 10.55
N TRP A 31 -0.32 -16.03 9.88
CA TRP A 31 0.94 -16.59 10.40
C TRP A 31 1.29 -15.96 11.75
N ALA A 32 1.11 -14.64 11.88
CA ALA A 32 1.45 -13.86 13.08
C ALA A 32 0.52 -14.28 14.22
N ALA A 33 -0.77 -14.47 13.93
CA ALA A 33 -1.79 -14.91 14.91
C ALA A 33 -1.47 -16.34 15.34
N MET A 34 -1.17 -17.17 14.35
CA MET A 34 -0.91 -18.63 14.51
C MET A 34 0.29 -18.82 15.45
N PHE A 35 1.29 -17.94 15.37
CA PHE A 35 2.52 -18.05 16.18
C PHE A 35 2.41 -17.15 17.42
N GLY A 36 1.32 -16.42 17.58
CA GLY A 36 1.03 -15.57 18.77
C GLY A 36 1.94 -14.35 18.84
N LEU A 37 2.25 -13.69 17.70
CA LEU A 37 3.18 -12.53 17.64
C LEU A 37 2.43 -11.20 17.73
N LEU A 38 1.11 -11.19 17.47
CA LEU A 38 0.21 -10.01 17.58
C LEU A 38 -0.09 -9.71 19.06
N THR A 39 0.48 -8.61 19.58
CA THR A 39 0.21 -8.06 20.95
C THR A 39 -1.07 -7.20 20.94
N ASP A 40 -1.52 -6.76 22.12
CA ASP A 40 -2.72 -5.88 22.30
C ASP A 40 -2.89 -5.56 23.78
N HIS A 44 -4.37 -4.39 19.45
CA HIS A 44 -5.70 -4.69 18.83
C HIS A 44 -5.68 -4.37 17.32
N LYS A 45 -5.17 -3.19 16.95
CA LYS A 45 -4.83 -2.78 15.55
C LYS A 45 -3.78 -3.76 15.02
N SER A 46 -4.04 -4.35 13.86
CA SER A 46 -3.15 -5.33 13.19
C SER A 46 -3.26 -5.19 11.67
N ARG A 47 -4.41 -4.74 11.18
CA ARG A 47 -4.70 -4.61 9.73
C ARG A 47 -3.98 -3.40 9.13
N ARG A 48 -3.33 -2.58 9.95
CA ARG A 48 -2.61 -1.37 9.48
C ARG A 48 -1.09 -1.57 9.55
N LEU A 49 -0.60 -2.75 9.94
CA LEU A 49 0.85 -3.10 9.93
C LEU A 49 1.37 -3.16 8.49
N GLN A 50 0.66 -3.84 7.60
CA GLN A 50 0.90 -3.84 6.12
C GLN A 50 2.31 -4.37 5.79
N TYR A 51 2.90 -5.18 6.65
CA TYR A 51 4.26 -5.74 6.48
C TYR A 51 4.37 -6.49 5.14
N GLY A 52 3.32 -7.19 4.74
CA GLY A 52 3.28 -7.92 3.46
C GLY A 52 3.43 -7.01 2.25
N LEU A 53 2.99 -5.76 2.38
CA LEU A 53 3.02 -4.74 1.30
C LEU A 53 4.46 -4.25 1.13
N LEU A 54 5.31 -4.34 2.17
CA LEU A 54 6.76 -4.06 2.03
C LEU A 54 7.38 -5.19 1.21
N ALA A 55 7.14 -6.43 1.62
CA ALA A 55 7.70 -7.64 0.96
C ALA A 55 7.27 -7.68 -0.51
N ALA A 56 6.01 -7.36 -0.79
CA ALA A 56 5.41 -7.34 -2.15
C ALA A 56 6.20 -6.39 -3.08
N ARG A 57 6.71 -5.29 -2.54
CA ARG A 57 7.55 -4.32 -3.30
C ARG A 57 9.02 -4.79 -3.36
N ALA A 58 9.56 -5.35 -2.29
CA ALA A 58 10.99 -5.74 -2.21
C ALA A 58 11.27 -6.93 -3.13
N TYR A 59 10.30 -7.83 -3.32
CA TYR A 59 10.44 -9.08 -4.09
C TYR A 59 9.26 -9.19 -5.06
N PRO A 60 9.15 -8.24 -6.01
CA PRO A 60 7.92 -8.11 -6.80
C PRO A 60 7.70 -9.15 -7.92
N ARG A 61 8.69 -9.96 -8.26
CA ARG A 61 8.57 -11.02 -9.32
C ARG A 61 8.64 -12.41 -8.67
N ALA A 62 8.67 -12.50 -7.35
CA ALA A 62 8.73 -13.77 -6.61
C ALA A 62 7.43 -14.53 -6.84
N ASP A 63 7.49 -15.85 -6.89
CA ASP A 63 6.30 -16.74 -6.87
C ASP A 63 5.66 -16.54 -5.50
N ARG A 64 4.35 -16.80 -5.39
CA ARG A 64 3.55 -16.42 -4.21
C ARG A 64 4.17 -17.09 -2.97
N GLU A 65 4.67 -18.34 -3.09
CA GLU A 65 5.10 -19.16 -1.93
C GLU A 65 6.41 -18.59 -1.36
N MET A 66 7.32 -18.17 -2.24
CA MET A 66 8.57 -17.50 -1.82
C MET A 66 8.24 -16.11 -1.26
N LEU A 67 7.37 -15.34 -1.93
CA LEU A 67 7.00 -13.99 -1.47
C LEU A 67 6.40 -14.11 -0.06
N GLN A 68 5.69 -15.20 0.23
CA GLN A 68 5.04 -15.39 1.57
C GLN A 68 6.09 -15.59 2.65
N ILE A 69 7.18 -16.30 2.34
CA ILE A 69 8.32 -16.55 3.28
C ILE A 69 8.96 -15.19 3.57
N ALA A 70 9.21 -14.40 2.52
CA ALA A 70 9.83 -13.08 2.63
C ALA A 70 8.96 -12.15 3.49
N ALA A 71 7.63 -12.19 3.31
CA ALA A 71 6.67 -11.33 4.01
C ALA A 71 6.60 -11.73 5.49
N ASP A 72 6.61 -13.03 5.76
CA ASP A 72 6.59 -13.55 7.15
C ASP A 72 7.93 -13.25 7.82
N TRP A 73 9.02 -13.27 7.05
CA TRP A 73 10.40 -12.94 7.55
C TRP A 73 10.46 -11.44 7.90
N ILE A 74 9.93 -10.59 7.01
CA ILE A 74 9.90 -9.12 7.24
C ILE A 74 9.04 -8.84 8.49
N ALA A 75 7.90 -9.51 8.61
CA ALA A 75 7.00 -9.38 9.79
C ALA A 75 7.79 -9.74 11.05
N TRP A 76 8.50 -10.85 11.00
CA TRP A 76 9.32 -11.39 12.12
C TRP A 76 10.29 -10.30 12.59
N LEU A 77 11.01 -9.68 11.63
CA LEU A 77 12.02 -8.64 11.91
C LEU A 77 11.38 -7.43 12.61
N PHE A 78 10.16 -7.01 12.20
CA PHE A 78 9.44 -5.85 12.79
C PHE A 78 8.97 -6.19 14.22
N PHE A 79 8.41 -7.39 14.41
CA PHE A 79 7.96 -7.86 15.75
C PHE A 79 9.19 -7.90 16.67
N MET A 80 10.29 -8.51 16.22
CA MET A 80 11.57 -8.54 16.96
C MET A 80 12.03 -7.10 17.24
N ASP A 81 12.00 -6.27 16.21
CA ASP A 81 12.59 -4.92 16.26
C ASP A 81 11.84 -4.05 17.26
N ASP A 82 10.53 -4.15 17.36
CA ASP A 82 9.75 -3.31 18.32
C ASP A 82 9.95 -3.81 19.75
N GLN A 83 10.28 -5.09 19.94
CA GLN A 83 10.74 -5.63 21.24
C GLN A 83 12.08 -4.97 21.59
N CYS A 84 12.99 -4.89 20.62
CA CYS A 84 14.36 -4.33 20.83
C CYS A 84 14.26 -2.83 21.13
N ASP A 85 13.36 -2.14 20.46
CA ASP A 85 13.39 -0.67 20.33
C ASP A 85 12.31 -0.01 21.17
N GLU A 86 11.31 -0.76 21.66
CA GLU A 86 10.16 -0.16 22.37
C GLU A 86 9.84 -0.89 23.69
N THR A 87 10.64 -1.86 24.13
CA THR A 87 10.39 -2.61 25.40
C THR A 87 11.72 -2.79 26.13
N GLY A 88 11.67 -3.38 27.33
CA GLY A 88 12.80 -3.43 28.27
C GLY A 88 13.88 -4.39 27.84
N ILE A 89 13.55 -5.38 27.01
CA ILE A 89 14.53 -6.42 26.59
C ILE A 89 15.66 -5.71 25.82
N GLY A 90 15.35 -4.63 25.08
CA GLY A 90 16.34 -3.82 24.35
C GLY A 90 17.23 -2.97 25.24
N ARG A 91 16.98 -2.95 26.57
CA ARG A 91 17.81 -2.23 27.57
C ARG A 91 18.45 -3.21 28.55
N ASP A 92 18.37 -4.51 28.31
CA ASP A 92 18.90 -5.58 29.21
C ASP A 92 19.71 -6.58 28.39
N LEU A 93 21.05 -6.48 28.42
CA LEU A 93 21.97 -7.27 27.57
C LEU A 93 21.84 -8.75 27.93
N GLN A 94 21.76 -9.08 29.22
CA GLN A 94 21.71 -10.49 29.69
C GLN A 94 20.48 -11.18 29.09
N ARG A 95 19.33 -10.51 29.04
CA ARG A 95 18.04 -11.07 28.51
C ARG A 95 18.15 -11.22 26.99
N MET A 96 18.75 -10.24 26.33
CA MET A 96 18.99 -10.29 24.86
C MET A 96 19.90 -11.47 24.53
N ILE A 97 21.02 -11.62 25.23
CA ILE A 97 21.99 -12.75 25.06
C ILE A 97 21.25 -14.09 25.18
N ALA A 98 20.49 -14.28 26.29
CA ALA A 98 19.65 -15.47 26.58
C ALA A 98 18.75 -15.78 25.37
N LEU A 99 18.00 -14.78 24.90
CA LEU A 99 17.06 -14.92 23.75
C LEU A 99 17.84 -15.21 22.43
N HIS A 100 18.95 -14.50 22.15
CA HIS A 100 19.74 -14.70 20.90
C HIS A 100 20.33 -16.12 20.87
N GLU A 101 20.64 -16.69 22.03
CA GLU A 101 21.21 -18.06 22.11
C GLU A 101 20.15 -19.10 21.67
N ARG A 102 18.88 -18.87 21.96
CA ARG A 102 17.77 -19.75 21.50
C ARG A 102 17.58 -19.57 19.99
N PHE A 103 17.57 -18.34 19.50
CA PHE A 103 17.46 -18.05 18.05
C PHE A 103 18.56 -18.79 17.28
N LEU A 104 19.81 -18.67 17.74
CA LEU A 104 21.02 -19.20 17.06
C LEU A 104 20.98 -20.74 17.06
N ALA A 105 20.48 -21.33 18.16
CA ALA A 105 20.23 -22.79 18.28
C ALA A 105 19.17 -23.18 17.23
N ILE A 106 18.11 -22.41 17.09
CA ILE A 106 17.05 -22.67 16.07
C ILE A 106 17.61 -22.44 14.65
N LEU A 107 18.48 -21.47 14.44
CA LEU A 107 19.03 -21.19 13.07
C LEU A 107 19.92 -22.36 12.63
N ASP A 108 20.51 -23.08 13.58
CA ASP A 108 21.36 -24.28 13.33
C ASP A 108 20.49 -25.52 13.14
N GLY A 109 19.17 -25.41 13.27
CA GLY A 109 18.20 -26.47 12.95
C GLY A 109 17.59 -27.13 14.20
N ALA A 110 17.97 -26.72 15.40
CA ALA A 110 17.47 -27.25 16.68
C ALA A 110 15.96 -27.02 16.78
N THR A 111 15.26 -27.95 17.39
CA THR A 111 13.78 -27.90 17.56
C THR A 111 13.46 -26.98 18.73
N PRO A 112 12.47 -26.07 18.61
CA PRO A 112 12.05 -25.27 19.74
C PRO A 112 11.59 -26.17 20.90
N GLU A 113 11.91 -25.74 22.13
CA GLU A 113 11.45 -26.36 23.39
C GLU A 113 10.06 -25.82 23.72
N ALA A 114 9.38 -26.48 24.66
CA ALA A 114 7.97 -26.21 25.03
C ALA A 114 7.80 -24.76 25.48
N HIS A 115 8.80 -24.20 26.17
CA HIS A 115 8.70 -22.86 26.82
C HIS A 115 9.68 -21.86 26.19
N ASP A 116 10.13 -22.14 24.96
CA ASP A 116 10.69 -21.16 24.01
C ASP A 116 9.57 -20.17 23.60
N CYS A 117 9.90 -18.88 23.48
CA CYS A 117 8.93 -17.77 23.18
C CYS A 117 8.44 -17.88 21.72
N ALA A 118 7.38 -17.16 21.42
CA ALA A 118 6.69 -17.12 20.11
C ALA A 118 7.69 -16.75 19.00
N LEU A 119 8.62 -15.81 19.26
CA LEU A 119 9.58 -15.37 18.21
C LEU A 119 10.48 -16.55 17.81
N THR A 120 10.81 -17.42 18.77
CA THR A 120 11.65 -18.62 18.56
C THR A 120 10.89 -19.63 17.67
N TYR A 121 9.65 -19.94 18.00
CA TYR A 121 8.81 -20.88 17.22
C TYR A 121 8.68 -20.37 15.78
N ALA A 122 8.51 -19.07 15.62
CA ALA A 122 8.28 -18.42 14.32
C ALA A 122 9.57 -18.46 13.50
N LEU A 123 10.72 -18.24 14.13
CA LEU A 123 12.02 -18.28 13.40
C LEU A 123 12.24 -19.72 12.94
N ALA A 124 11.85 -20.72 13.73
CA ALA A 124 12.06 -22.16 13.38
C ALA A 124 11.16 -22.49 12.20
N ASP A 125 9.97 -21.89 12.14
CA ASP A 125 9.04 -22.07 11.00
C ASP A 125 9.69 -21.52 9.72
N LEU A 126 10.29 -20.32 9.81
CA LEU A 126 10.90 -19.63 8.64
C LEU A 126 12.16 -20.39 8.20
N ARG A 127 12.97 -20.88 9.15
CA ARG A 127 14.14 -21.77 8.87
C ARG A 127 13.65 -22.96 8.03
N ARG A 128 12.65 -23.66 8.54
CA ARG A 128 12.10 -24.91 7.92
C ARG A 128 11.64 -24.59 6.49
N ARG A 129 10.95 -23.47 6.30
CA ARG A 129 10.36 -23.10 5.02
C ARG A 129 11.43 -22.67 4.03
N LEU A 130 12.47 -21.97 4.50
CA LEU A 130 13.61 -21.53 3.65
C LEU A 130 14.42 -22.75 3.24
N ALA A 131 14.54 -23.75 4.13
CA ALA A 131 15.27 -25.00 3.87
C ALA A 131 14.58 -25.77 2.73
N LEU A 132 13.24 -25.59 2.55
CA LEU A 132 12.48 -26.26 1.48
C LEU A 132 12.80 -25.56 0.15
N ARG A 133 13.26 -24.31 0.17
CA ARG A 133 13.44 -23.51 -1.07
C ARG A 133 14.93 -23.19 -1.31
N ALA A 134 15.82 -23.43 -0.36
CA ALA A 134 17.22 -22.97 -0.45
C ALA A 134 18.19 -24.12 -0.22
N PRO A 135 19.37 -24.15 -0.90
CA PRO A 135 20.43 -25.08 -0.54
C PRO A 135 21.13 -24.71 0.78
N ASP A 136 21.98 -25.62 1.29
CA ASP A 136 22.73 -25.49 2.57
C ASP A 136 23.65 -24.27 2.54
N ASN A 137 24.27 -23.98 1.40
CA ASN A 137 25.20 -22.82 1.21
C ASN A 137 24.46 -21.53 1.53
N TRP A 138 23.25 -21.41 0.98
CA TRP A 138 22.37 -20.23 1.19
C TRP A 138 21.96 -20.13 2.67
N LEU A 139 21.52 -21.23 3.30
CA LEU A 139 21.06 -21.21 4.73
C LEU A 139 22.21 -20.74 5.62
N ARG A 140 23.44 -21.14 5.30
CA ARG A 140 24.65 -20.70 6.03
C ARG A 140 24.82 -19.18 5.89
N ARG A 141 24.87 -18.67 4.64
CA ARG A 141 25.05 -17.22 4.37
C ARG A 141 23.96 -16.43 5.11
N PHE A 142 22.71 -16.83 4.98
CA PHE A 142 21.54 -16.16 5.63
C PHE A 142 21.74 -16.18 7.16
N SER A 143 22.00 -17.34 7.74
CA SER A 143 22.15 -17.51 9.22
C SER A 143 23.24 -16.58 9.76
N GLU A 144 24.34 -16.40 9.01
CA GLU A 144 25.51 -15.62 9.45
C GLU A 144 25.11 -14.14 9.43
N HIS A 145 24.39 -13.70 8.39
CA HIS A 145 23.86 -12.31 8.31
C HIS A 145 22.89 -12.08 9.47
N VAL A 146 22.03 -13.04 9.78
CA VAL A 146 21.06 -12.94 10.92
C VAL A 146 21.85 -12.88 12.24
N ARG A 147 22.90 -13.67 12.38
CA ARG A 147 23.78 -13.68 13.59
C ARG A 147 24.35 -12.28 13.83
N LEU A 148 24.80 -11.61 12.77
CA LEU A 148 25.44 -10.27 12.86
C LEU A 148 24.38 -9.22 13.22
N TYR A 149 23.13 -9.42 12.77
CA TYR A 149 21.95 -8.59 13.12
C TYR A 149 21.77 -8.66 14.63
N PHE A 150 21.79 -9.87 15.19
CA PHE A 150 21.70 -10.10 16.66
C PHE A 150 22.86 -9.38 17.37
N THR A 151 24.06 -9.47 16.83
CA THR A 151 25.27 -8.79 17.38
C THR A 151 25.04 -7.27 17.37
N ALA A 152 24.58 -6.73 16.23
CA ALA A 152 24.24 -5.28 16.10
C ALA A 152 23.18 -4.90 17.15
N ASN A 153 22.15 -5.72 17.36
CA ASN A 153 21.05 -5.49 18.35
C ASN A 153 21.61 -5.42 19.78
N ARG A 154 22.59 -6.26 20.11
CA ARG A 154 23.23 -6.31 21.46
C ARG A 154 24.12 -5.05 21.64
N TRP A 155 24.73 -4.58 20.56
CA TRP A 155 25.54 -3.34 20.50
C TRP A 155 24.61 -2.15 20.80
N GLU A 156 23.40 -2.14 20.23
CA GLU A 156 22.38 -1.09 20.50
C GLU A 156 22.02 -1.13 21.99
N THR A 157 21.81 -2.33 22.54
CA THR A 157 21.41 -2.55 23.97
C THR A 157 22.46 -1.95 24.92
N VAL A 158 23.75 -2.14 24.63
CA VAL A 158 24.85 -1.62 25.48
C VAL A 158 24.84 -0.09 25.35
N ASN A 159 24.61 0.47 24.16
CA ASN A 159 24.41 1.94 23.99
C ASN A 159 23.26 2.42 24.89
N ARG A 160 22.10 1.76 24.84
CA ARG A 160 20.92 2.13 25.66
C ARG A 160 21.29 2.07 27.15
N GLN A 161 21.97 1.00 27.57
CA GLN A 161 22.33 0.74 28.99
C GLN A 161 23.25 1.84 29.51
N ARG A 162 24.12 2.36 28.63
CA ARG A 162 25.21 3.32 29.00
C ARG A 162 24.77 4.77 28.78
N GLY A 163 23.62 4.98 28.14
CA GLY A 163 23.18 6.30 27.68
C GLY A 163 24.13 6.85 26.62
N ALA A 164 24.79 5.97 25.89
CA ALA A 164 25.83 6.35 24.89
C ALA A 164 25.16 6.85 23.61
N THR A 165 25.92 7.57 22.80
CA THR A 165 25.58 7.93 21.39
C THR A 165 26.86 7.75 20.59
N PRO A 166 26.93 6.81 19.63
CA PRO A 166 28.16 6.64 18.86
C PRO A 166 28.38 7.86 17.96
N ASN A 167 29.61 8.05 17.47
CA ASN A 167 29.93 9.04 16.41
C ASN A 167 29.29 8.55 15.09
N VAL A 168 29.29 9.39 14.04
CA VAL A 168 28.65 9.08 12.73
C VAL A 168 29.30 7.80 12.17
N ALA A 169 30.62 7.68 12.25
CA ALA A 169 31.41 6.62 11.58
C ALA A 169 31.04 5.26 12.19
N THR A 170 30.99 5.20 13.52
CA THR A 170 30.68 3.97 14.27
C THR A 170 29.23 3.60 13.98
N TYR A 171 28.32 4.57 14.03
CA TYR A 171 26.87 4.29 13.88
C TYR A 171 26.60 3.71 12.49
N CYS A 172 27.11 4.36 11.45
CA CYS A 172 26.87 3.96 10.04
C CYS A 172 27.37 2.54 9.81
N ALA A 173 28.54 2.22 10.38
CA ALA A 173 29.18 0.90 10.22
C ALA A 173 28.36 -0.18 10.94
N ALA A 174 27.80 0.11 12.11
CA ALA A 174 26.96 -0.84 12.87
C ALA A 174 25.54 -0.89 12.28
N ARG A 175 25.02 0.24 11.78
CA ARG A 175 23.67 0.35 11.17
C ARG A 175 23.53 -0.66 10.02
N LEU A 176 24.61 -0.95 9.28
CA LEU A 176 24.57 -1.91 8.15
C LEU A 176 24.07 -3.28 8.65
N PHE A 177 24.16 -3.58 9.96
CA PHE A 177 23.85 -4.90 10.53
C PHE A 177 22.55 -4.82 11.37
N SER A 178 22.34 -3.72 12.06
CA SER A 178 21.19 -3.53 12.99
C SER A 178 19.86 -3.60 12.22
N GLY A 179 19.91 -3.41 10.90
CA GLY A 179 18.71 -3.40 10.05
C GLY A 179 18.38 -4.74 9.39
N ALA A 180 19.28 -5.74 9.47
CA ALA A 180 19.15 -7.09 8.88
C ALA A 180 19.02 -7.01 7.36
N VAL A 181 19.48 -5.94 6.76
CA VAL A 181 19.22 -5.72 5.30
C VAL A 181 19.99 -6.75 4.49
N TYR A 182 21.16 -7.18 4.96
CA TYR A 182 22.01 -8.15 4.21
C TYR A 182 21.29 -9.50 4.17
N ALA A 183 20.58 -9.86 5.25
CA ALA A 183 19.76 -11.09 5.32
C ALA A 183 18.61 -11.01 4.31
N CYS A 184 17.90 -9.88 4.28
CA CYS A 184 16.82 -9.58 3.32
C CYS A 184 17.38 -9.62 1.88
N PHE A 185 18.63 -9.23 1.69
CA PHE A 185 19.28 -9.23 0.34
C PHE A 185 19.53 -10.68 -0.09
N ASP A 186 19.82 -11.57 0.85
CA ASP A 186 20.05 -13.01 0.54
C ASP A 186 18.77 -13.59 -0.11
N LEU A 187 17.60 -13.18 0.33
CA LEU A 187 16.29 -13.67 -0.20
C LEU A 187 16.10 -13.27 -1.68
N ILE A 188 16.84 -12.28 -2.18
CA ILE A 188 16.72 -11.84 -3.61
C ILE A 188 17.03 -13.04 -4.49
N GLU A 189 18.05 -13.81 -4.14
CA GLU A 189 18.54 -15.01 -4.89
C GLU A 189 17.40 -16.02 -5.05
N LEU A 190 16.66 -16.30 -3.97
CA LEU A 190 15.52 -17.23 -3.93
C LEU A 190 14.35 -16.65 -4.73
N ALA A 191 14.02 -15.39 -4.51
CA ALA A 191 12.94 -14.67 -5.22
C ALA A 191 13.15 -14.71 -6.73
N GLU A 192 14.41 -14.58 -7.18
CA GLU A 192 14.79 -14.47 -8.63
C GLU A 192 15.23 -15.84 -9.17
N GLN A 193 15.23 -16.87 -8.31
CA GLN A 193 15.64 -18.26 -8.65
C GLN A 193 17.00 -18.23 -9.35
N ILE A 194 17.99 -17.59 -8.71
CA ILE A 194 19.40 -17.52 -9.20
C ILE A 194 20.33 -18.12 -8.13
N GLU A 195 21.51 -18.54 -8.58
CA GLU A 195 22.63 -19.05 -7.74
C GLU A 195 23.91 -18.43 -8.29
N LEU A 196 24.38 -17.37 -7.66
CA LEU A 196 25.65 -16.69 -8.04
C LEU A 196 26.82 -17.58 -7.63
N PRO A 197 27.82 -17.83 -8.50
CA PRO A 197 29.01 -18.57 -8.08
C PRO A 197 29.77 -17.73 -7.05
N PHE A 198 30.46 -18.41 -6.13
CA PHE A 198 31.22 -17.82 -5.00
C PHE A 198 32.06 -16.62 -5.47
N TYR A 199 32.70 -16.69 -6.63
CA TYR A 199 33.65 -15.64 -7.10
C TYR A 199 32.90 -14.35 -7.46
N ALA A 200 31.64 -14.45 -7.91
CA ALA A 200 30.79 -13.30 -8.31
C ALA A 200 30.11 -12.70 -7.07
N ARG A 201 29.58 -13.55 -6.20
CA ARG A 201 28.92 -13.16 -4.93
C ARG A 201 29.80 -12.20 -4.15
N HIS A 202 31.10 -12.49 -4.05
CA HIS A 202 32.07 -11.84 -3.13
C HIS A 202 32.94 -10.83 -3.85
N HIS A 203 32.72 -10.57 -5.14
CA HIS A 203 33.52 -9.57 -5.88
C HIS A 203 33.32 -8.19 -5.25
N SER A 204 34.40 -7.42 -5.15
CA SER A 204 34.50 -6.13 -4.40
C SER A 204 33.33 -5.21 -4.79
N ILE A 205 33.04 -5.08 -6.09
CA ILE A 205 31.98 -4.20 -6.63
C ILE A 205 30.60 -4.65 -6.12
N VAL A 206 30.32 -5.95 -6.07
CA VAL A 206 29.02 -6.50 -5.64
C VAL A 206 28.86 -6.17 -4.14
N GLN A 207 29.92 -6.32 -3.34
CA GLN A 207 29.94 -5.96 -1.90
C GLN A 207 29.69 -4.45 -1.75
N GLN A 208 30.26 -3.64 -2.63
CA GLN A 208 30.16 -2.16 -2.53
C GLN A 208 28.73 -1.77 -2.89
N LEU A 209 28.13 -2.42 -3.89
CA LEU A 209 26.70 -2.20 -4.26
C LEU A 209 25.76 -2.63 -3.10
N GLU A 210 26.01 -3.76 -2.51
CA GLU A 210 25.22 -4.24 -1.33
C GLU A 210 25.32 -3.21 -0.21
N GLN A 211 26.53 -2.77 0.14
CA GLN A 211 26.82 -1.78 1.20
C GLN A 211 26.07 -0.49 0.88
N ALA A 212 26.20 0.00 -0.36
CA ALA A 212 25.56 1.23 -0.86
C ALA A 212 24.04 1.15 -0.67
N ALA A 213 23.43 0.08 -1.19
CA ALA A 213 21.98 -0.15 -1.14
C ALA A 213 21.52 -0.22 0.32
N ASN A 214 22.28 -0.87 1.18
CA ASN A 214 21.92 -1.06 2.64
C ASN A 214 21.97 0.31 3.34
N ASN A 215 23.02 1.08 3.07
CA ASN A 215 23.18 2.46 3.62
C ASN A 215 21.97 3.32 3.22
N ILE A 216 21.59 3.29 1.94
CA ILE A 216 20.44 4.07 1.37
C ILE A 216 19.14 3.69 2.11
N ILE A 217 18.87 2.40 2.22
CA ILE A 217 17.63 1.88 2.87
C ILE A 217 17.63 2.31 4.36
N CYS A 218 18.77 2.21 5.03
CA CYS A 218 18.89 2.54 6.47
C CYS A 218 18.76 4.05 6.67
N TRP A 219 19.39 4.84 5.81
CA TRP A 219 19.44 6.32 5.99
C TRP A 219 18.06 6.91 5.61
N CYS A 220 17.43 6.38 4.57
CA CYS A 220 16.03 6.67 4.23
C CYS A 220 15.14 6.33 5.45
N ASN A 221 15.25 5.12 5.97
CA ASN A 221 14.50 4.72 7.19
C ASN A 221 14.75 5.71 8.33
N ASP A 222 16.02 6.09 8.54
CA ASP A 222 16.44 7.00 9.65
C ASP A 222 15.70 8.34 9.56
N VAL A 223 15.62 8.92 8.35
CA VAL A 223 14.95 10.22 8.13
C VAL A 223 13.46 10.07 8.41
N LEU A 224 12.83 8.93 8.06
CA LEU A 224 11.36 8.76 8.20
C LEU A 224 10.97 8.25 9.59
N SER A 225 11.94 7.78 10.38
CA SER A 225 11.67 7.07 11.66
C SER A 225 12.25 7.81 12.87
N TYR A 226 12.92 8.95 12.67
CA TYR A 226 13.52 9.72 13.80
C TYR A 226 12.43 10.17 14.77
N PRO A 227 11.22 10.59 14.29
CA PRO A 227 10.15 11.00 15.20
C PRO A 227 9.76 9.91 16.21
N LYS A 228 9.46 8.69 15.75
CA LYS A 228 8.99 7.59 16.63
C LYS A 228 10.17 7.09 17.48
N GLU A 229 11.41 7.23 16.99
CA GLU A 229 12.59 6.76 17.76
C GLU A 229 12.91 7.76 18.88
N MET A 230 12.77 9.05 18.60
CA MET A 230 12.86 10.16 19.58
C MET A 230 11.80 9.95 20.68
N GLN A 231 10.60 9.51 20.32
CA GLN A 231 9.43 9.31 21.22
C GLN A 231 9.70 8.16 22.20
N HIS A 232 10.57 7.22 21.84
CA HIS A 232 11.01 6.10 22.73
C HIS A 232 12.43 6.37 23.27
N GLY A 233 12.93 7.61 23.22
CA GLY A 233 14.24 8.03 23.76
C GLY A 233 15.38 7.22 23.18
N ASP A 234 15.28 6.84 21.89
CA ASP A 234 16.25 5.99 21.17
C ASP A 234 17.06 6.88 20.20
N ARG A 235 18.37 6.60 20.05
CA ARG A 235 19.30 7.48 19.28
C ARG A 235 20.03 6.69 18.19
N HIS A 236 19.52 5.52 17.81
CA HIS A 236 20.09 4.69 16.69
C HIS A 236 19.43 5.18 15.40
N ASN A 237 19.89 6.35 14.96
CA ASN A 237 19.28 7.13 13.84
C ASN A 237 20.33 8.13 13.35
N LEU A 238 20.62 8.13 12.06
CA LEU A 238 21.66 8.98 11.45
C LEU A 238 21.39 10.44 11.79
N VAL A 239 20.11 10.85 11.79
CA VAL A 239 19.70 12.25 12.11
C VAL A 239 20.14 12.60 13.53
N LEU A 240 19.81 11.75 14.50
CA LEU A 240 20.12 12.04 15.93
C LEU A 240 21.62 11.95 16.17
N VAL A 241 22.32 11.04 15.49
CA VAL A 241 23.78 10.80 15.66
C VAL A 241 24.54 11.97 15.05
N ILE A 242 24.11 12.47 13.89
CA ILE A 242 24.69 13.69 13.24
C ILE A 242 24.51 14.89 14.17
N GLN A 243 23.28 15.08 14.70
CA GLN A 243 22.94 16.20 15.62
C GLN A 243 23.86 16.19 16.83
N GLY A 244 24.11 15.01 17.40
CA GLY A 244 24.99 14.83 18.56
C GLY A 244 26.45 15.14 18.20
N GLU A 245 26.91 14.74 17.01
CA GLU A 245 28.31 14.93 16.58
C GLU A 245 28.54 16.40 16.19
N HIS A 246 27.67 17.01 15.41
CA HIS A 246 27.84 18.39 14.88
C HIS A 246 27.23 19.45 15.81
N GLN A 247 26.47 19.06 16.83
CA GLN A 247 25.82 20.00 17.81
C GLN A 247 25.00 21.06 17.05
N CYS A 248 24.24 20.59 16.07
CA CYS A 248 23.46 21.41 15.13
C CYS A 248 21.96 21.27 15.45
N SER A 249 21.15 22.06 14.73
CA SER A 249 19.67 22.03 14.83
C SER A 249 19.15 20.70 14.29
N LEU A 250 17.94 20.33 14.67
CA LEU A 250 17.30 19.12 14.11
C LEU A 250 17.14 19.30 12.60
N PRO A 251 16.65 20.45 12.08
CA PRO A 251 16.56 20.67 10.64
C PRO A 251 17.90 20.49 9.92
N GLU A 252 19.00 20.98 10.51
CA GLU A 252 20.35 20.91 9.90
C GLU A 252 20.81 19.44 9.89
N ALA A 253 20.52 18.69 10.95
CA ALA A 253 20.87 17.24 11.04
C ALA A 253 20.11 16.47 9.95
N ILE A 254 18.82 16.77 9.77
CA ILE A 254 17.99 16.12 8.73
C ILE A 254 18.60 16.47 7.34
N ASP A 255 18.99 17.71 7.13
CA ASP A 255 19.59 18.19 5.84
C ASP A 255 20.83 17.36 5.55
N ARG A 256 21.69 17.17 6.57
CA ARG A 256 22.99 16.44 6.47
C ARG A 256 22.71 14.96 6.22
N ALA A 257 21.72 14.39 6.89
CA ALA A 257 21.34 12.98 6.71
C ALA A 257 20.95 12.75 5.24
N LEU A 258 20.14 13.65 4.69
CA LEU A 258 19.61 13.52 3.31
C LEU A 258 20.72 13.77 2.28
N ASP A 259 21.72 14.58 2.60
CA ASP A 259 22.92 14.78 1.73
C ASP A 259 23.73 13.48 1.68
N LEU A 260 23.86 12.75 2.81
CA LEU A 260 24.58 11.43 2.87
C LEU A 260 23.80 10.38 2.05
N HIS A 261 22.47 10.39 2.19
CA HIS A 261 21.55 9.49 1.45
C HIS A 261 21.72 9.75 -0.04
N ALA A 262 21.63 10.99 -0.46
CA ALA A 262 21.75 11.42 -1.88
C ALA A 262 23.11 10.98 -2.46
N ARG A 263 24.18 11.25 -1.72
CA ARG A 263 25.59 10.91 -2.05
C ARG A 263 25.67 9.39 -2.25
N GLU A 264 25.00 8.61 -1.40
CA GLU A 264 25.04 7.13 -1.44
C GLU A 264 24.29 6.60 -2.68
N VAL A 265 23.13 7.19 -3.02
CA VAL A 265 22.41 6.90 -4.29
C VAL A 265 23.37 7.08 -5.48
N ALA A 266 24.10 8.20 -5.51
CA ALA A 266 25.10 8.53 -6.57
C ALA A 266 26.13 7.38 -6.66
N THR A 267 26.61 6.90 -5.50
CA THR A 267 27.67 5.85 -5.39
C THR A 267 27.14 4.55 -5.99
N PHE A 268 25.93 4.16 -5.58
CA PHE A 268 25.26 2.93 -6.05
C PHE A 268 25.06 2.97 -7.57
N VAL A 269 24.52 4.08 -8.09
CA VAL A 269 24.18 4.21 -9.53
C VAL A 269 25.45 4.10 -10.37
N ARG A 270 26.56 4.70 -9.91
CA ARG A 270 27.85 4.77 -10.65
C ARG A 270 28.51 3.39 -10.62
N LYS A 271 28.55 2.74 -9.46
CA LYS A 271 29.25 1.43 -9.28
C LYS A 271 28.46 0.32 -9.98
N ARG A 272 27.17 0.54 -10.27
CA ARG A 272 26.31 -0.39 -11.05
C ARG A 272 26.97 -0.60 -12.41
N THR A 273 27.69 0.39 -12.93
CA THR A 273 28.32 0.39 -14.28
C THR A 273 29.70 -0.30 -14.21
N CYS A 274 30.18 -0.70 -13.03
CA CYS A 274 31.58 -1.18 -12.80
C CYS A 274 31.62 -2.69 -12.48
N VAL A 275 30.53 -3.41 -12.70
CA VAL A 275 30.46 -4.88 -12.49
C VAL A 275 31.30 -5.52 -13.60
N PRO A 276 32.33 -6.33 -13.28
CA PRO A 276 33.13 -6.98 -14.32
C PRO A 276 32.27 -7.95 -15.13
N TYR A 277 32.66 -8.21 -16.37
CA TYR A 277 32.05 -9.24 -17.24
C TYR A 277 32.73 -10.57 -16.93
N PHE A 278 32.01 -11.51 -16.31
CA PHE A 278 32.47 -12.88 -16.00
C PHE A 278 32.13 -13.79 -17.18
N ASP A 279 30.83 -13.87 -17.51
CA ASP A 279 30.28 -14.50 -18.75
C ASP A 279 28.81 -14.10 -18.86
N ALA A 280 28.18 -14.39 -19.98
CA ALA A 280 26.77 -14.04 -20.27
C ALA A 280 25.86 -14.50 -19.12
N ALA A 281 25.98 -15.75 -18.70
CA ALA A 281 25.13 -16.42 -17.69
C ALA A 281 25.27 -15.67 -16.37
N VAL A 282 26.48 -15.66 -15.83
CA VAL A 282 26.79 -15.10 -14.48
C VAL A 282 26.26 -13.67 -14.46
N ASN A 283 26.55 -12.89 -15.51
CA ASN A 283 26.24 -11.45 -15.58
C ASN A 283 24.73 -11.23 -15.69
N THR A 284 24.01 -12.12 -16.38
CA THR A 284 22.52 -12.08 -16.40
C THR A 284 21.99 -12.28 -14.98
N ALA A 285 22.52 -13.27 -14.24
CA ALA A 285 22.11 -13.56 -12.84
C ALA A 285 22.49 -12.37 -11.92
N LEU A 286 23.67 -11.74 -12.12
CA LEU A 286 24.13 -10.57 -11.30
C LEU A 286 23.23 -9.35 -11.57
N GLU A 287 22.89 -9.12 -12.83
CA GLU A 287 22.00 -7.99 -13.21
C GLU A 287 20.62 -8.16 -12.53
N LYS A 288 20.11 -9.39 -12.46
CA LYS A 288 18.84 -9.69 -11.77
C LYS A 288 19.03 -9.34 -10.28
N TYR A 289 20.20 -9.65 -9.72
CA TYR A 289 20.50 -9.43 -8.28
C TYR A 289 20.58 -7.94 -8.00
N VAL A 290 21.29 -7.19 -8.86
CA VAL A 290 21.52 -5.73 -8.70
C VAL A 290 20.16 -5.03 -8.88
N THR A 291 19.34 -5.52 -9.80
CA THR A 291 17.96 -5.00 -10.00
C THR A 291 17.19 -5.29 -8.71
N GLY A 292 17.41 -6.45 -8.11
CA GLY A 292 16.81 -6.81 -6.81
C GLY A 292 17.13 -5.78 -5.75
N LEU A 293 18.39 -5.32 -5.69
CA LEU A 293 18.83 -4.30 -4.70
C LEU A 293 18.04 -3.01 -4.94
N GLN A 294 17.87 -2.61 -6.19
CA GLN A 294 17.07 -1.43 -6.63
C GLN A 294 15.61 -1.58 -6.25
N PHE A 295 15.01 -2.75 -6.48
CA PHE A 295 13.63 -3.05 -6.02
C PHE A 295 13.53 -2.84 -4.50
N TRP A 296 14.57 -3.18 -3.73
CA TRP A 296 14.57 -3.08 -2.23
C TRP A 296 14.66 -1.61 -1.84
N ILE A 297 15.53 -0.88 -2.51
CA ILE A 297 15.76 0.58 -2.28
C ILE A 297 14.42 1.30 -2.44
N CYS A 298 13.73 1.06 -3.55
CA CYS A 298 12.40 1.65 -3.87
C CYS A 298 11.37 1.14 -2.88
N ALA A 299 11.35 -0.15 -2.58
CA ALA A 299 10.34 -0.78 -1.69
C ALA A 299 10.40 -0.13 -0.30
N ASN A 300 11.59 0.01 0.24
CA ASN A 300 11.81 0.67 1.56
C ASN A 300 11.22 2.10 1.57
N ARG A 301 11.54 2.91 0.57
CA ARG A 301 11.04 4.30 0.50
C ARG A 301 9.53 4.31 0.25
N ASP A 302 9.08 3.59 -0.79
CA ASP A 302 7.66 3.64 -1.24
C ASP A 302 6.74 3.18 -0.09
N TRP A 303 7.08 2.07 0.57
CA TRP A 303 6.29 1.51 1.69
C TRP A 303 6.31 2.47 2.88
N SER A 304 7.49 2.94 3.28
CA SER A 304 7.70 3.74 4.53
C SER A 304 6.94 5.07 4.44
N LEU A 305 6.85 5.66 3.24
CA LEU A 305 6.14 6.94 3.01
C LEU A 305 4.64 6.76 3.25
N THR A 306 4.08 5.56 3.05
CA THR A 306 2.62 5.28 3.10
C THR A 306 2.24 4.55 4.40
N ALA A 307 3.20 4.12 5.21
CA ALA A 307 2.96 3.11 6.28
C ALA A 307 2.59 3.80 7.59
N THR A 308 1.54 3.31 8.24
CA THR A 308 1.12 3.71 9.61
C THR A 308 2.34 3.80 10.52
N ARG A 309 3.27 2.86 10.42
CA ARG A 309 4.44 2.69 11.34
C ARG A 309 5.22 4.01 11.49
N TYR A 310 5.30 4.82 10.45
CA TYR A 310 6.10 6.09 10.46
C TYR A 310 5.18 7.33 10.48
N ALA A 311 3.90 7.19 10.79
CA ALA A 311 2.89 8.28 10.85
C ALA A 311 2.57 8.64 12.29
N ASP B 4 -12.29 -5.74 15.20
CA ASP B 4 -13.64 -6.05 15.74
C ASP B 4 -14.62 -6.12 14.56
N TYR B 5 -15.42 -5.08 14.34
CA TYR B 5 -16.52 -5.08 13.34
C TYR B 5 -15.93 -4.82 11.93
N ARG B 6 -14.82 -4.07 11.86
CA ARG B 6 -14.13 -3.71 10.58
C ARG B 6 -13.70 -4.99 9.87
N ALA B 7 -13.47 -6.06 10.63
CA ALA B 7 -13.01 -7.38 10.15
C ALA B 7 -14.13 -8.14 9.43
N ARG B 8 -15.37 -7.70 9.54
CA ARG B 8 -16.52 -8.39 8.89
C ARG B 8 -16.68 -7.86 7.46
N LEU B 9 -15.87 -6.88 7.06
CA LEU B 9 -15.86 -6.42 5.65
C LEU B 9 -15.01 -7.42 4.85
N VAL B 10 -15.63 -8.54 4.47
CA VAL B 10 -14.98 -9.76 3.94
C VAL B 10 -15.72 -10.21 2.66
N TYR B 11 -15.00 -10.84 1.74
CA TYR B 11 -15.50 -11.30 0.41
C TYR B 11 -14.95 -12.69 0.10
N PRO B 12 -15.71 -13.56 -0.59
CA PRO B 12 -15.24 -14.90 -0.92
C PRO B 12 -14.31 -14.91 -2.14
N PHE B 13 -13.91 -13.74 -2.62
CA PHE B 13 -12.92 -13.57 -3.71
C PHE B 13 -11.86 -12.60 -3.21
N SER B 14 -10.79 -12.44 -3.98
CA SER B 14 -9.63 -11.60 -3.62
C SER B 14 -9.25 -10.72 -4.81
N GLY B 15 -8.53 -9.63 -4.55
CA GLY B 15 -8.17 -8.63 -5.57
C GLY B 15 -6.81 -8.88 -6.19
N ALA B 16 -6.29 -7.85 -6.84
CA ALA B 16 -4.90 -7.78 -7.31
C ALA B 16 -4.50 -6.29 -7.34
N ILE B 17 -3.20 -6.00 -7.49
CA ILE B 17 -2.66 -4.62 -7.60
C ILE B 17 -1.69 -4.54 -8.80
N SER B 18 -1.81 -3.48 -9.60
CA SER B 18 -0.91 -3.15 -10.74
C SER B 18 0.50 -3.01 -10.21
N PRO B 19 1.53 -3.58 -10.91
CA PRO B 19 2.93 -3.36 -10.55
C PRO B 19 3.42 -1.91 -10.64
N HIS B 20 2.62 -1.03 -11.27
CA HIS B 20 2.89 0.42 -11.45
C HIS B 20 2.36 1.25 -10.28
N ALA B 21 1.79 0.61 -9.24
CA ALA B 21 1.09 1.29 -8.11
C ALA B 21 1.80 2.59 -7.69
N ASP B 22 3.07 2.50 -7.31
CA ASP B 22 3.81 3.58 -6.57
C ASP B 22 4.25 4.67 -7.55
N ILE B 23 4.65 4.31 -8.78
CA ILE B 23 4.98 5.31 -9.84
C ILE B 23 3.73 6.14 -10.13
N VAL B 24 2.57 5.50 -10.25
CA VAL B 24 1.27 6.16 -10.58
C VAL B 24 0.89 7.10 -9.43
N ASP B 25 0.96 6.61 -8.17
CA ASP B 25 0.57 7.39 -6.97
C ASP B 25 1.40 8.67 -6.91
N GLN B 26 2.71 8.58 -7.20
CA GLN B 26 3.67 9.72 -7.16
C GLN B 26 3.32 10.70 -8.30
N ALA B 27 2.92 10.19 -9.47
CA ALA B 27 2.56 11.02 -10.64
C ALA B 27 1.17 11.65 -10.44
N THR B 28 0.33 11.06 -9.58
CA THR B 28 -0.99 11.63 -9.15
C THR B 28 -0.73 12.83 -8.23
N LEU B 29 0.20 12.72 -7.30
CA LEU B 29 0.62 13.85 -6.44
C LEU B 29 1.27 14.94 -7.32
N ALA B 30 2.04 14.55 -8.34
CA ALA B 30 2.62 15.49 -9.34
C ALA B 30 1.49 16.21 -10.06
N TRP B 31 0.55 15.46 -10.63
CA TRP B 31 -0.63 15.99 -11.37
C TRP B 31 -1.47 16.95 -10.50
N ALA B 32 -1.69 16.58 -9.23
CA ALA B 32 -2.43 17.38 -8.22
C ALA B 32 -1.70 18.72 -7.93
N ALA B 33 -0.37 18.69 -7.87
CA ALA B 33 0.48 19.88 -7.65
C ALA B 33 0.37 20.80 -8.88
N MET B 34 0.61 20.28 -10.08
CA MET B 34 0.61 21.03 -11.37
C MET B 34 -0.73 21.77 -11.53
N PHE B 35 -1.87 21.16 -11.20
CA PHE B 35 -3.23 21.76 -11.34
C PHE B 35 -3.68 22.50 -10.06
N GLY B 36 -2.87 22.45 -9.00
CA GLY B 36 -3.06 23.29 -7.80
C GLY B 36 -4.12 22.75 -6.86
N LEU B 37 -4.26 21.43 -6.76
CA LEU B 37 -5.14 20.71 -5.80
C LEU B 37 -4.31 20.34 -4.56
N ARG B 48 0.61 11.40 1.98
CA ARG B 48 -0.24 10.34 2.60
C ARG B 48 -1.70 10.59 2.23
N LEU B 49 -1.99 10.47 0.93
CA LEU B 49 -3.33 10.44 0.29
C LEU B 49 -3.54 9.09 -0.40
N GLN B 50 -2.59 8.67 -1.25
CA GLN B 50 -2.46 7.29 -1.78
C GLN B 50 -3.60 6.97 -2.76
N TYR B 51 -4.08 7.97 -3.50
CA TYR B 51 -5.15 7.84 -4.51
C TYR B 51 -4.67 6.89 -5.63
N GLY B 52 -3.37 6.93 -5.96
CA GLY B 52 -2.78 5.98 -6.93
C GLY B 52 -2.91 4.52 -6.49
N LEU B 53 -2.79 4.26 -5.18
CA LEU B 53 -2.77 2.88 -4.62
C LEU B 53 -4.19 2.32 -4.59
N LEU B 54 -5.22 3.17 -4.57
CA LEU B 54 -6.62 2.72 -4.78
C LEU B 54 -6.79 2.33 -6.25
N ALA B 55 -6.37 3.19 -7.16
CA ALA B 55 -6.49 2.99 -8.62
C ALA B 55 -5.76 1.71 -9.03
N ALA B 56 -4.52 1.52 -8.56
CA ALA B 56 -3.66 0.35 -8.85
C ALA B 56 -4.38 -0.97 -8.48
N ARG B 57 -5.20 -0.97 -7.42
CA ARG B 57 -5.99 -2.16 -6.97
C ARG B 57 -7.28 -2.30 -7.80
N ALA B 58 -7.99 -1.21 -8.03
CA ALA B 58 -9.28 -1.21 -8.78
C ALA B 58 -9.06 -1.61 -10.26
N TYR B 59 -7.95 -1.21 -10.90
CA TYR B 59 -7.68 -1.50 -12.33
C TYR B 59 -6.31 -2.15 -12.48
N PRO B 60 -6.11 -3.37 -11.92
CA PRO B 60 -4.75 -3.93 -11.78
C PRO B 60 -4.12 -4.51 -13.05
N ARG B 61 -4.89 -4.68 -14.14
CA ARG B 61 -4.37 -5.21 -15.43
C ARG B 61 -4.18 -4.09 -16.43
N ALA B 62 -4.49 -2.85 -16.06
CA ALA B 62 -4.53 -1.69 -16.98
C ALA B 62 -3.11 -1.34 -17.42
N ASP B 63 -2.95 -0.88 -18.64
CA ASP B 63 -1.66 -0.31 -19.12
C ASP B 63 -1.40 0.92 -18.24
N ARG B 64 -0.15 1.34 -18.10
CA ARG B 64 0.28 2.43 -17.17
C ARG B 64 -0.40 3.76 -17.50
N GLU B 65 -0.50 4.10 -18.79
CA GLU B 65 -1.13 5.38 -19.24
C GLU B 65 -2.58 5.45 -18.74
N MET B 66 -3.37 4.39 -18.98
CA MET B 66 -4.80 4.34 -18.62
C MET B 66 -4.93 4.35 -17.09
N LEU B 67 -4.04 3.64 -16.39
CA LEU B 67 -4.10 3.55 -14.91
C LEU B 67 -3.89 4.96 -14.32
N GLN B 68 -3.02 5.77 -14.95
CA GLN B 68 -2.68 7.15 -14.49
C GLN B 68 -3.92 8.06 -14.64
N ILE B 69 -4.69 7.91 -15.72
CA ILE B 69 -5.97 8.68 -15.92
C ILE B 69 -6.95 8.35 -14.80
N ALA B 70 -7.10 7.07 -14.47
CA ALA B 70 -8.04 6.52 -13.47
C ALA B 70 -7.64 6.99 -12.07
N ALA B 71 -6.34 7.00 -11.77
CA ALA B 71 -5.78 7.46 -10.48
C ALA B 71 -6.03 8.97 -10.33
N ASP B 72 -5.86 9.72 -11.42
CA ASP B 72 -6.04 11.20 -11.43
C ASP B 72 -7.53 11.53 -11.24
N TRP B 73 -8.42 10.74 -11.87
CA TRP B 73 -9.89 10.86 -11.73
C TRP B 73 -10.28 10.56 -10.27
N ILE B 74 -9.71 9.52 -9.67
CA ILE B 74 -10.00 9.12 -8.26
C ILE B 74 -9.57 10.26 -7.34
N ALA B 75 -8.38 10.82 -7.55
CA ALA B 75 -7.84 11.96 -6.77
C ALA B 75 -8.83 13.13 -6.88
N TRP B 76 -9.24 13.46 -8.11
CA TRP B 76 -10.23 14.52 -8.42
C TRP B 76 -11.47 14.35 -7.56
N LEU B 77 -12.03 13.14 -7.50
CA LEU B 77 -13.28 12.86 -6.74
C LEU B 77 -13.02 13.13 -5.26
N PHE B 78 -11.86 12.75 -4.73
CA PHE B 78 -11.50 12.93 -3.29
C PHE B 78 -11.32 14.42 -3.01
N PHE B 79 -10.72 15.15 -3.95
CA PHE B 79 -10.44 16.61 -3.84
C PHE B 79 -11.77 17.35 -3.95
N MET B 80 -12.66 16.92 -4.86
CA MET B 80 -14.04 17.45 -4.95
C MET B 80 -14.75 17.19 -3.62
N ASP B 81 -14.72 15.93 -3.15
CA ASP B 81 -15.39 15.45 -1.92
C ASP B 81 -14.79 16.14 -0.68
N ASP B 82 -13.50 16.52 -0.71
CA ASP B 82 -12.79 17.30 0.35
C ASP B 82 -13.09 18.80 0.19
N GLN B 83 -12.92 19.34 -1.03
CA GLN B 83 -13.06 20.79 -1.38
C GLN B 83 -14.51 21.23 -1.12
N CYS B 84 -15.46 20.28 -1.18
CA CYS B 84 -16.87 20.42 -0.75
C CYS B 84 -16.89 20.98 0.68
N ASP B 85 -16.16 20.34 1.62
CA ASP B 85 -16.14 20.70 3.06
C ASP B 85 -15.35 21.99 3.29
N ASP B 92 -24.24 24.87 0.69
CA ASP B 92 -24.39 26.08 -0.17
C ASP B 92 -24.74 25.66 -1.61
N LEU B 93 -26.02 25.40 -1.86
CA LEU B 93 -26.52 24.84 -3.14
C LEU B 93 -26.29 25.82 -4.30
N GLN B 94 -26.37 27.12 -4.02
CA GLN B 94 -26.25 28.19 -5.04
C GLN B 94 -24.85 28.12 -5.67
N ARG B 95 -23.81 28.01 -4.85
CA ARG B 95 -22.38 27.95 -5.29
C ARG B 95 -22.09 26.61 -5.98
N MET B 96 -22.62 25.51 -5.44
CA MET B 96 -22.48 24.15 -6.03
C MET B 96 -23.17 24.11 -7.41
N ILE B 97 -24.38 24.66 -7.55
CA ILE B 97 -25.11 24.72 -8.85
C ILE B 97 -24.24 25.42 -9.92
N ALA B 98 -23.65 26.56 -9.58
CA ALA B 98 -22.79 27.38 -10.46
C ALA B 98 -21.55 26.55 -10.86
N LEU B 99 -20.97 25.81 -9.91
CA LEU B 99 -19.76 24.96 -10.14
C LEU B 99 -20.12 23.77 -11.05
N HIS B 100 -21.26 23.12 -10.84
CA HIS B 100 -21.67 21.92 -11.64
C HIS B 100 -21.93 22.34 -13.08
N GLU B 101 -22.52 23.54 -13.27
CA GLU B 101 -22.72 24.19 -14.59
C GLU B 101 -21.40 24.21 -15.35
N ARG B 102 -20.32 24.65 -14.67
CA ARG B 102 -18.95 24.72 -15.26
C ARG B 102 -18.45 23.30 -15.57
N PHE B 103 -18.51 22.39 -14.58
CA PHE B 103 -18.02 20.98 -14.71
C PHE B 103 -18.68 20.31 -15.91
N LEU B 104 -20.01 20.41 -16.01
CA LEU B 104 -20.83 19.80 -17.09
C LEU B 104 -20.44 20.43 -18.44
N ALA B 105 -20.27 21.76 -18.48
CA ALA B 105 -19.81 22.48 -19.70
C ALA B 105 -18.49 21.85 -20.15
N ILE B 106 -17.54 21.70 -19.22
CA ILE B 106 -16.20 21.09 -19.48
C ILE B 106 -16.37 19.63 -19.93
N LEU B 107 -17.30 18.88 -19.30
CA LEU B 107 -17.54 17.45 -19.63
C LEU B 107 -17.97 17.30 -21.10
N ASP B 108 -18.75 18.27 -21.61
CA ASP B 108 -19.23 18.29 -23.02
C ASP B 108 -18.12 18.79 -23.94
N GLY B 109 -17.01 19.28 -23.39
CA GLY B 109 -15.76 19.56 -24.14
C GLY B 109 -15.48 21.04 -24.32
N ALA B 110 -16.11 21.91 -23.52
CA ALA B 110 -15.89 23.38 -23.55
C ALA B 110 -14.51 23.67 -22.96
N THR B 111 -13.89 24.77 -23.41
CA THR B 111 -12.57 25.24 -22.92
C THR B 111 -12.75 25.91 -21.56
N PRO B 112 -11.90 25.63 -20.55
CA PRO B 112 -11.95 26.34 -19.28
C PRO B 112 -11.60 27.82 -19.50
N GLU B 113 -12.42 28.71 -18.96
CA GLU B 113 -12.24 30.18 -19.03
C GLU B 113 -11.17 30.58 -18.01
N ALA B 114 -10.80 31.87 -17.96
CA ALA B 114 -9.73 32.40 -17.09
C ALA B 114 -10.14 32.36 -15.61
N HIS B 115 -11.44 32.36 -15.33
CA HIS B 115 -12.02 32.50 -13.96
C HIS B 115 -12.33 31.12 -13.35
N ASP B 116 -12.16 30.05 -14.12
CA ASP B 116 -12.50 28.67 -13.68
C ASP B 116 -11.57 28.24 -12.55
N CYS B 117 -12.09 27.53 -11.54
CA CYS B 117 -11.32 27.07 -10.37
C CYS B 117 -10.40 25.91 -10.79
N ALA B 118 -9.51 25.46 -9.90
CA ALA B 118 -8.51 24.41 -10.17
C ALA B 118 -9.23 23.12 -10.61
N LEU B 119 -10.22 22.67 -9.83
CA LEU B 119 -11.03 21.45 -10.09
C LEU B 119 -11.52 21.45 -11.55
N THR B 120 -11.98 22.59 -12.08
CA THR B 120 -12.55 22.72 -13.45
C THR B 120 -11.45 22.48 -14.49
N TYR B 121 -10.27 23.06 -14.29
CA TYR B 121 -9.06 22.86 -15.14
C TYR B 121 -8.66 21.37 -15.11
N ALA B 122 -8.65 20.76 -13.93
CA ALA B 122 -8.25 19.34 -13.70
C ALA B 122 -9.20 18.41 -14.47
N LEU B 123 -10.51 18.68 -14.39
CA LEU B 123 -11.57 17.85 -15.02
C LEU B 123 -11.42 17.90 -16.55
N ALA B 124 -11.07 19.08 -17.08
CA ALA B 124 -10.89 19.33 -18.53
C ALA B 124 -9.68 18.54 -19.04
N ASP B 125 -8.64 18.45 -18.21
CA ASP B 125 -7.43 17.63 -18.48
C ASP B 125 -7.83 16.15 -18.59
N LEU B 126 -8.59 15.65 -17.62
CA LEU B 126 -9.08 14.23 -17.55
C LEU B 126 -9.97 13.96 -18.75
N ARG B 127 -10.90 14.88 -19.05
CA ARG B 127 -11.74 14.84 -20.27
C ARG B 127 -10.83 14.69 -21.49
N ARG B 128 -9.95 15.66 -21.72
CA ARG B 128 -8.99 15.68 -22.85
C ARG B 128 -8.33 14.29 -22.98
N ARG B 129 -7.78 13.77 -21.86
CA ARG B 129 -6.95 12.54 -21.84
C ARG B 129 -7.83 11.31 -22.10
N LEU B 130 -9.07 11.30 -21.61
CA LEU B 130 -10.07 10.21 -21.87
C LEU B 130 -10.46 10.23 -23.35
N ALA B 131 -10.67 11.39 -23.94
CA ALA B 131 -11.02 11.54 -25.38
C ALA B 131 -9.95 10.86 -26.25
N LEU B 132 -8.68 10.85 -25.81
CA LEU B 132 -7.57 10.21 -26.56
C LEU B 132 -7.68 8.68 -26.51
N ARG B 133 -8.37 8.14 -25.51
CA ARG B 133 -8.38 6.68 -25.20
C ARG B 133 -9.77 6.05 -25.45
N ALA B 134 -10.86 6.82 -25.43
CA ALA B 134 -12.25 6.31 -25.36
C ALA B 134 -13.09 6.84 -26.51
N PRO B 135 -13.94 6.00 -27.16
CA PRO B 135 -14.81 6.47 -28.23
C PRO B 135 -15.92 7.40 -27.70
N ASP B 136 -16.61 8.03 -28.64
CA ASP B 136 -17.66 9.04 -28.36
C ASP B 136 -18.72 8.42 -27.45
N ASN B 137 -19.16 7.20 -27.77
CA ASN B 137 -20.25 6.47 -27.06
C ASN B 137 -19.85 6.37 -25.57
N TRP B 138 -18.60 6.00 -25.31
CA TRP B 138 -18.03 5.86 -23.95
C TRP B 138 -18.11 7.20 -23.20
N LEU B 139 -17.68 8.29 -23.82
CA LEU B 139 -17.62 9.64 -23.19
C LEU B 139 -19.03 10.08 -22.75
N ARG B 140 -20.05 9.83 -23.57
CA ARG B 140 -21.46 10.14 -23.22
C ARG B 140 -21.88 9.38 -21.95
N ARG B 141 -21.59 8.09 -21.86
CA ARG B 141 -21.99 7.22 -20.70
C ARG B 141 -21.28 7.72 -19.43
N PHE B 142 -19.97 7.95 -19.50
CA PHE B 142 -19.15 8.45 -18.37
C PHE B 142 -19.74 9.78 -17.90
N SER B 143 -19.92 10.70 -18.84
CA SER B 143 -20.45 12.08 -18.62
C SER B 143 -21.80 12.04 -17.86
N GLU B 144 -22.68 11.10 -18.21
CA GLU B 144 -24.04 11.00 -17.63
C GLU B 144 -23.94 10.46 -16.20
N HIS B 145 -23.08 9.45 -15.98
CA HIS B 145 -22.80 8.90 -14.62
C HIS B 145 -22.22 10.01 -13.75
N VAL B 146 -21.43 10.92 -14.32
CA VAL B 146 -20.85 12.06 -13.57
C VAL B 146 -21.94 13.12 -13.32
N ARG B 147 -22.79 13.40 -14.31
CA ARG B 147 -23.95 14.32 -14.15
C ARG B 147 -24.82 13.85 -12.96
N LEU B 148 -25.04 12.54 -12.87
CA LEU B 148 -25.90 11.95 -11.80
C LEU B 148 -25.18 12.05 -10.45
N TYR B 149 -23.85 12.03 -10.45
CA TYR B 149 -22.99 12.23 -9.27
C TYR B 149 -23.21 13.67 -8.75
N PHE B 150 -23.21 14.64 -9.67
CA PHE B 150 -23.43 16.07 -9.34
C PHE B 150 -24.84 16.24 -8.78
N THR B 151 -25.84 15.66 -9.46
CA THR B 151 -27.26 15.73 -9.04
C THR B 151 -27.36 15.19 -7.61
N ALA B 152 -26.77 14.02 -7.38
CA ALA B 152 -26.81 13.30 -6.09
C ALA B 152 -26.10 14.13 -5.01
N ASN B 153 -25.03 14.83 -5.38
CA ASN B 153 -24.27 15.72 -4.45
C ASN B 153 -25.13 16.95 -4.09
N ARG B 154 -25.83 17.54 -5.05
CA ARG B 154 -26.75 18.70 -4.81
C ARG B 154 -27.92 18.25 -3.93
N TRP B 155 -28.39 17.02 -4.12
CA TRP B 155 -29.45 16.38 -3.29
C TRP B 155 -28.94 16.18 -1.84
N GLU B 156 -27.68 15.78 -1.65
CA GLU B 156 -27.06 15.66 -0.29
C GLU B 156 -26.99 17.04 0.37
N THR B 157 -26.54 18.05 -0.38
CA THR B 157 -26.39 19.44 0.13
C THR B 157 -27.72 19.94 0.68
N VAL B 158 -28.81 19.89 -0.11
CA VAL B 158 -30.17 20.35 0.31
C VAL B 158 -30.49 19.65 1.64
N ASN B 159 -30.29 18.32 1.70
CA ASN B 159 -30.59 17.51 2.91
C ASN B 159 -29.81 18.08 4.10
N ARG B 160 -28.51 18.32 3.93
CA ARG B 160 -27.63 18.84 5.00
C ARG B 160 -28.16 20.20 5.50
N GLN B 161 -28.45 21.14 4.57
CA GLN B 161 -28.86 22.54 4.90
C GLN B 161 -30.19 22.56 5.67
N ARG B 162 -31.08 21.59 5.43
CA ARG B 162 -32.42 21.52 6.06
C ARG B 162 -32.45 20.44 7.15
N GLY B 163 -31.32 19.82 7.47
CA GLY B 163 -31.19 18.76 8.49
C GLY B 163 -32.17 17.63 8.20
N ALA B 164 -32.34 17.32 6.90
CA ALA B 164 -33.28 16.28 6.39
C ALA B 164 -32.87 14.89 6.91
N THR B 165 -33.84 14.00 7.07
CA THR B 165 -33.71 12.68 7.72
C THR B 165 -34.19 11.60 6.74
N PRO B 166 -33.52 11.43 5.57
CA PRO B 166 -33.96 10.44 4.58
C PRO B 166 -33.85 9.02 5.12
N ASN B 167 -34.80 8.15 4.77
CA ASN B 167 -34.86 6.75 5.29
C ASN B 167 -33.76 5.92 4.60
N VAL B 168 -33.67 4.63 4.95
CA VAL B 168 -32.55 3.72 4.51
C VAL B 168 -32.70 3.49 3.00
N ALA B 169 -33.91 3.19 2.54
CA ALA B 169 -34.20 2.96 1.10
C ALA B 169 -33.76 4.18 0.29
N THR B 170 -34.16 5.37 0.73
CA THR B 170 -33.92 6.64 0.00
C THR B 170 -32.41 6.93 -0.02
N TYR B 171 -31.76 6.84 1.15
CA TYR B 171 -30.30 7.08 1.25
C TYR B 171 -29.51 6.14 0.31
N CYS B 172 -29.78 4.83 0.39
CA CYS B 172 -29.04 3.74 -0.31
C CYS B 172 -29.22 3.90 -1.82
N ALA B 173 -30.41 4.32 -2.26
CA ALA B 173 -30.73 4.55 -3.69
C ALA B 173 -29.95 5.77 -4.22
N ALA B 174 -29.88 6.85 -3.44
CA ALA B 174 -29.12 8.07 -3.78
C ALA B 174 -27.62 7.79 -3.70
N ARG B 175 -27.19 7.09 -2.65
CA ARG B 175 -25.74 6.81 -2.39
C ARG B 175 -25.09 6.13 -3.60
N LEU B 176 -25.85 5.33 -4.37
CA LEU B 176 -25.40 4.65 -5.62
C LEU B 176 -24.88 5.67 -6.64
N PHE B 177 -25.29 6.92 -6.53
CA PHE B 177 -24.88 8.01 -7.45
C PHE B 177 -23.85 8.94 -6.78
N SER B 178 -24.04 9.26 -5.50
CA SER B 178 -23.22 10.24 -4.74
C SER B 178 -21.80 9.71 -4.55
N GLY B 179 -21.58 8.40 -4.70
CA GLY B 179 -20.23 7.79 -4.66
C GLY B 179 -19.48 7.95 -5.97
N ALA B 180 -20.18 8.18 -7.10
CA ALA B 180 -19.62 8.24 -8.47
C ALA B 180 -19.04 6.88 -8.90
N VAL B 181 -19.46 5.80 -8.26
CA VAL B 181 -18.88 4.44 -8.46
C VAL B 181 -19.18 3.97 -9.90
N TYR B 182 -20.35 4.30 -10.45
CA TYR B 182 -20.78 3.87 -11.81
C TYR B 182 -19.81 4.47 -12.82
N ALA B 183 -19.40 5.71 -12.59
CA ALA B 183 -18.42 6.41 -13.46
C ALA B 183 -17.09 5.68 -13.40
N CYS B 184 -16.71 5.24 -12.22
CA CYS B 184 -15.46 4.46 -11.99
C CYS B 184 -15.54 3.10 -12.71
N PHE B 185 -16.74 2.49 -12.80
CA PHE B 185 -16.96 1.18 -13.47
C PHE B 185 -16.83 1.34 -14.99
N ASP B 186 -17.27 2.46 -15.52
CA ASP B 186 -17.07 2.80 -16.96
C ASP B 186 -15.59 2.67 -17.33
N LEU B 187 -14.67 3.04 -16.41
CA LEU B 187 -13.21 3.02 -16.66
C LEU B 187 -12.68 1.59 -16.79
N ILE B 188 -13.44 0.59 -16.29
CA ILE B 188 -13.07 -0.85 -16.38
C ILE B 188 -12.94 -1.19 -17.86
N GLU B 189 -13.87 -0.68 -18.68
CA GLU B 189 -13.88 -0.94 -20.14
C GLU B 189 -12.55 -0.50 -20.77
N LEU B 190 -12.05 0.66 -20.39
CA LEU B 190 -10.77 1.24 -20.90
C LEU B 190 -9.59 0.47 -20.31
N ALA B 191 -9.58 0.23 -19.00
CA ALA B 191 -8.55 -0.57 -18.30
C ALA B 191 -8.34 -1.91 -19.01
N GLU B 192 -9.44 -2.63 -19.33
CA GLU B 192 -9.40 -4.02 -19.86
C GLU B 192 -9.34 -4.02 -21.40
N GLN B 193 -9.47 -2.84 -22.01
CA GLN B 193 -9.50 -2.64 -23.48
C GLN B 193 -10.58 -3.54 -24.09
N ILE B 194 -11.79 -3.45 -23.58
CA ILE B 194 -12.99 -4.17 -24.10
C ILE B 194 -14.01 -3.14 -24.58
N GLU B 195 -14.83 -3.53 -25.56
CA GLU B 195 -16.04 -2.78 -25.97
C GLU B 195 -17.21 -3.78 -26.05
N LEU B 196 -18.05 -3.77 -25.03
CA LEU B 196 -19.29 -4.56 -24.91
C LEU B 196 -20.32 -3.97 -25.86
N PRO B 197 -21.06 -4.80 -26.64
CA PRO B 197 -22.11 -4.28 -27.50
C PRO B 197 -23.27 -3.81 -26.62
N PHE B 198 -24.05 -2.84 -27.09
CA PHE B 198 -25.19 -2.20 -26.38
C PHE B 198 -25.97 -3.28 -25.59
N TYR B 199 -26.27 -4.40 -26.23
CA TYR B 199 -27.22 -5.41 -25.69
C TYR B 199 -26.61 -6.12 -24.48
N ALA B 200 -25.29 -6.30 -24.47
CA ALA B 200 -24.54 -6.92 -23.37
C ALA B 200 -24.37 -5.87 -22.25
N ARG B 201 -24.11 -4.61 -22.63
CA ARG B 201 -23.79 -3.54 -21.67
C ARG B 201 -24.96 -3.39 -20.70
N HIS B 202 -26.19 -3.43 -21.23
CA HIS B 202 -27.42 -3.02 -20.51
C HIS B 202 -28.23 -4.24 -20.06
N HIS B 203 -27.70 -5.45 -20.19
CA HIS B 203 -28.43 -6.69 -19.82
C HIS B 203 -28.72 -6.61 -18.32
N SER B 204 -29.92 -7.00 -17.90
CA SER B 204 -30.45 -6.83 -16.51
C SER B 204 -29.43 -7.41 -15.54
N ILE B 205 -28.82 -8.56 -15.87
CA ILE B 205 -27.85 -9.26 -14.95
C ILE B 205 -26.62 -8.37 -14.81
N VAL B 206 -26.12 -7.81 -15.90
CA VAL B 206 -24.95 -6.90 -15.84
C VAL B 206 -25.31 -5.70 -14.97
N GLN B 207 -26.49 -5.11 -15.18
CA GLN B 207 -26.99 -3.94 -14.41
C GLN B 207 -27.09 -4.32 -12.93
N GLN B 208 -27.59 -5.51 -12.63
CA GLN B 208 -27.81 -5.97 -11.21
C GLN B 208 -26.47 -6.22 -10.51
N LEU B 209 -25.45 -6.65 -11.26
CA LEU B 209 -24.08 -6.90 -10.75
C LEU B 209 -23.39 -5.56 -10.47
N GLU B 210 -23.61 -4.55 -11.30
CA GLU B 210 -23.07 -3.19 -11.11
C GLU B 210 -23.65 -2.58 -9.82
N GLN B 211 -24.97 -2.67 -9.64
CA GLN B 211 -25.70 -2.13 -8.47
C GLN B 211 -25.20 -2.81 -7.21
N ALA B 212 -25.19 -4.14 -7.17
CA ALA B 212 -24.70 -4.99 -6.07
C ALA B 212 -23.30 -4.55 -5.69
N ALA B 213 -22.40 -4.46 -6.68
CA ALA B 213 -20.98 -4.08 -6.48
C ALA B 213 -20.91 -2.64 -5.93
N ASN B 214 -21.70 -1.73 -6.50
CA ASN B 214 -21.74 -0.30 -6.08
C ASN B 214 -22.22 -0.23 -4.62
N ASN B 215 -23.32 -0.92 -4.29
CA ASN B 215 -23.87 -0.98 -2.90
C ASN B 215 -22.78 -1.50 -1.96
N ILE B 216 -22.10 -2.60 -2.32
CA ILE B 216 -21.06 -3.25 -1.48
C ILE B 216 -19.99 -2.21 -1.14
N ILE B 217 -19.45 -1.57 -2.18
CA ILE B 217 -18.38 -0.54 -2.05
C ILE B 217 -18.87 0.59 -1.12
N CYS B 218 -20.06 1.13 -1.34
CA CYS B 218 -20.53 2.33 -0.63
C CYS B 218 -20.77 1.99 0.85
N TRP B 219 -21.36 0.83 1.12
CA TRP B 219 -21.73 0.43 2.49
C TRP B 219 -20.45 0.06 3.26
N CYS B 220 -19.46 -0.50 2.57
CA CYS B 220 -18.12 -0.80 3.14
C CYS B 220 -17.55 0.52 3.67
N ASN B 221 -17.52 1.57 2.83
CA ASN B 221 -16.96 2.91 3.18
C ASN B 221 -17.76 3.59 4.28
N ASP B 222 -19.08 3.50 4.22
CA ASP B 222 -19.99 4.08 5.26
C ASP B 222 -19.63 3.50 6.63
N VAL B 223 -19.37 2.19 6.72
CA VAL B 223 -19.01 1.50 8.01
C VAL B 223 -17.66 2.03 8.51
N LEU B 224 -16.75 2.39 7.60
CA LEU B 224 -15.38 2.88 7.92
C LEU B 224 -15.37 4.40 8.10
N SER B 225 -16.36 5.12 7.57
CA SER B 225 -16.32 6.61 7.44
C SER B 225 -17.31 7.31 8.40
N TYR B 226 -18.15 6.59 9.14
CA TYR B 226 -19.22 7.17 10.01
C TYR B 226 -18.61 8.05 11.11
N PRO B 227 -17.42 7.71 11.67
CA PRO B 227 -16.79 8.58 12.65
C PRO B 227 -16.50 9.96 12.04
N LYS B 228 -15.83 10.00 10.89
CA LYS B 228 -15.37 11.27 10.25
C LYS B 228 -16.60 12.05 9.75
N GLU B 229 -17.61 11.35 9.25
CA GLU B 229 -18.91 11.96 8.83
C GLU B 229 -19.57 12.58 10.06
N MET B 230 -19.70 11.80 11.14
CA MET B 230 -20.32 12.23 12.43
C MET B 230 -19.73 13.58 12.88
N GLN B 231 -18.39 13.67 12.93
CA GLN B 231 -17.64 14.88 13.38
C GLN B 231 -18.06 16.11 12.57
N HIS B 232 -18.10 15.97 11.24
CA HIS B 232 -18.39 17.08 10.28
C HIS B 232 -19.89 17.40 10.27
N GLY B 233 -20.71 16.74 11.11
CA GLY B 233 -22.17 16.94 11.22
C GLY B 233 -22.91 16.46 9.98
N ASP B 234 -22.39 15.44 9.31
CA ASP B 234 -22.96 14.85 8.06
C ASP B 234 -23.70 13.56 8.43
N ARG B 235 -24.92 13.38 7.95
CA ARG B 235 -25.80 12.22 8.29
C ARG B 235 -25.96 11.29 7.09
N HIS B 236 -25.34 11.62 5.95
CA HIS B 236 -25.35 10.80 4.71
C HIS B 236 -24.37 9.63 4.89
N ASN B 237 -24.78 8.63 5.68
CA ASN B 237 -23.99 7.43 6.06
C ASN B 237 -24.98 6.33 6.45
N LEU B 238 -24.77 5.12 5.93
CA LEU B 238 -25.71 3.99 6.14
C LEU B 238 -25.90 3.77 7.64
N VAL B 239 -24.81 3.78 8.41
CA VAL B 239 -24.86 3.46 9.87
C VAL B 239 -25.75 4.50 10.55
N LEU B 240 -25.53 5.77 10.22
CA LEU B 240 -26.21 6.94 10.83
C LEU B 240 -27.69 6.96 10.42
N VAL B 241 -28.00 6.62 9.15
CA VAL B 241 -29.40 6.58 8.62
C VAL B 241 -30.17 5.44 9.32
N ILE B 242 -29.55 4.26 9.40
CA ILE B 242 -30.11 3.09 10.14
C ILE B 242 -30.37 3.49 11.60
N GLN B 243 -29.37 4.07 12.28
CA GLN B 243 -29.51 4.61 13.66
C GLN B 243 -30.74 5.54 13.70
N GLY B 244 -30.80 6.49 12.77
CA GLY B 244 -31.91 7.45 12.63
C GLY B 244 -33.24 6.77 12.43
N GLU B 245 -33.31 5.76 11.55
CA GLU B 245 -34.59 5.12 11.13
C GLU B 245 -35.15 4.27 12.29
N HIS B 246 -34.33 3.44 12.93
CA HIS B 246 -34.76 2.35 13.85
C HIS B 246 -34.74 2.78 15.33
N GLN B 247 -34.27 4.00 15.64
CA GLN B 247 -34.06 4.51 17.02
C GLN B 247 -33.28 3.46 17.82
N CYS B 248 -32.16 2.99 17.27
CA CYS B 248 -31.29 1.94 17.87
C CYS B 248 -29.95 2.56 18.26
N SER B 249 -29.08 1.77 18.90
CA SER B 249 -27.72 2.18 19.35
C SER B 249 -26.75 2.15 18.17
N LEU B 250 -25.59 2.80 18.32
CA LEU B 250 -24.56 2.89 17.25
C LEU B 250 -24.01 1.50 16.93
N PRO B 251 -23.67 0.65 17.94
CA PRO B 251 -23.29 -0.74 17.69
C PRO B 251 -24.35 -1.53 16.90
N GLU B 252 -25.61 -1.34 17.23
CA GLU B 252 -26.73 -2.11 16.62
C GLU B 252 -26.95 -1.67 15.17
N ALA B 253 -26.64 -0.40 14.87
CA ALA B 253 -26.69 0.20 13.52
C ALA B 253 -25.54 -0.37 12.67
N ILE B 254 -24.34 -0.48 13.24
CA ILE B 254 -23.14 -1.04 12.57
C ILE B 254 -23.38 -2.51 12.22
N ASP B 255 -24.00 -3.27 13.12
CA ASP B 255 -24.39 -4.68 12.91
C ASP B 255 -25.36 -4.76 11.74
N ARG B 256 -26.43 -3.96 11.76
CA ARG B 256 -27.47 -3.97 10.70
C ARG B 256 -26.81 -3.65 9.36
N ALA B 257 -25.89 -2.67 9.35
CA ALA B 257 -25.17 -2.20 8.15
C ALA B 257 -24.30 -3.33 7.59
N LEU B 258 -23.63 -4.09 8.44
CA LEU B 258 -22.75 -5.20 8.01
C LEU B 258 -23.60 -6.38 7.51
N ASP B 259 -24.77 -6.60 8.10
CA ASP B 259 -25.77 -7.59 7.63
C ASP B 259 -26.17 -7.27 6.19
N LEU B 260 -26.37 -5.98 5.85
CA LEU B 260 -26.77 -5.55 4.47
C LEU B 260 -25.61 -5.78 3.52
N HIS B 261 -24.39 -5.40 3.94
CA HIS B 261 -23.14 -5.64 3.17
C HIS B 261 -22.98 -7.13 2.89
N ALA B 262 -23.10 -7.98 3.92
CA ALA B 262 -23.02 -9.46 3.80
C ALA B 262 -24.05 -9.93 2.77
N ARG B 263 -25.31 -9.48 2.88
CA ARG B 263 -26.41 -9.93 1.99
C ARG B 263 -26.07 -9.54 0.56
N GLU B 264 -25.43 -8.40 0.37
CA GLU B 264 -25.15 -7.82 -0.98
C GLU B 264 -23.99 -8.60 -1.61
N VAL B 265 -23.04 -9.05 -0.81
CA VAL B 265 -21.92 -9.91 -1.26
C VAL B 265 -22.50 -11.21 -1.82
N ALA B 266 -23.38 -11.83 -1.04
CA ALA B 266 -24.05 -13.12 -1.38
C ALA B 266 -24.81 -12.96 -2.70
N THR B 267 -25.54 -11.85 -2.86
CA THR B 267 -26.33 -11.52 -4.09
C THR B 267 -25.39 -11.39 -5.30
N PHE B 268 -24.28 -10.66 -5.14
CA PHE B 268 -23.30 -10.42 -6.23
C PHE B 268 -22.76 -11.77 -6.74
N VAL B 269 -22.35 -12.65 -5.83
CA VAL B 269 -21.72 -13.97 -6.15
C VAL B 269 -22.74 -14.83 -6.91
N ARG B 270 -23.99 -14.88 -6.42
CA ARG B 270 -25.10 -15.69 -6.97
C ARG B 270 -25.41 -15.21 -8.40
N LYS B 271 -25.46 -13.90 -8.62
CA LYS B 271 -25.88 -13.31 -9.91
C LYS B 271 -24.74 -13.41 -10.94
N ARG B 272 -23.52 -13.63 -10.47
CA ARG B 272 -22.33 -13.80 -11.34
C ARG B 272 -22.53 -15.01 -12.26
N THR B 273 -23.23 -16.05 -11.83
CA THR B 273 -23.47 -17.32 -12.58
C THR B 273 -24.75 -17.27 -13.44
N CYS B 274 -25.43 -16.12 -13.52
CA CYS B 274 -26.70 -15.92 -14.27
C CYS B 274 -26.44 -15.14 -15.56
N VAL B 275 -25.17 -14.83 -15.86
CA VAL B 275 -24.77 -14.05 -17.07
C VAL B 275 -25.09 -14.91 -18.30
N PRO B 276 -25.97 -14.47 -19.22
CA PRO B 276 -26.35 -15.30 -20.36
C PRO B 276 -25.17 -15.49 -21.32
N TYR B 277 -25.19 -16.56 -22.10
CA TYR B 277 -24.16 -16.83 -23.15
C TYR B 277 -24.58 -16.14 -24.45
N PHE B 278 -23.86 -15.09 -24.80
CA PHE B 278 -24.08 -14.30 -26.04
C PHE B 278 -23.30 -14.96 -27.17
N ASP B 279 -22.00 -14.98 -27.04
CA ASP B 279 -21.04 -15.69 -27.94
C ASP B 279 -19.67 -15.60 -27.26
N ALA B 280 -18.71 -16.39 -27.73
CA ALA B 280 -17.37 -16.55 -27.12
C ALA B 280 -16.75 -15.18 -26.85
N ALA B 281 -16.65 -14.33 -27.89
CA ALA B 281 -15.95 -13.02 -27.87
C ALA B 281 -16.62 -12.08 -26.86
N VAL B 282 -17.95 -11.97 -26.92
CA VAL B 282 -18.75 -11.08 -26.02
C VAL B 282 -18.62 -11.57 -24.59
N ASN B 283 -18.78 -12.86 -24.33
CA ASN B 283 -18.72 -13.42 -22.95
C ASN B 283 -17.29 -13.34 -22.41
N THR B 284 -16.28 -13.32 -23.27
CA THR B 284 -14.86 -13.09 -22.86
C THR B 284 -14.73 -11.69 -22.27
N ALA B 285 -15.23 -10.68 -23.00
CA ALA B 285 -15.24 -9.26 -22.58
C ALA B 285 -16.05 -9.11 -21.29
N LEU B 286 -17.26 -9.69 -21.26
CA LEU B 286 -18.17 -9.56 -20.08
C LEU B 286 -17.50 -10.12 -18.82
N GLU B 287 -16.83 -11.28 -18.95
CA GLU B 287 -16.12 -11.96 -17.85
C GLU B 287 -15.02 -11.02 -17.35
N LYS B 288 -14.31 -10.33 -18.25
CA LYS B 288 -13.28 -9.33 -17.85
C LYS B 288 -13.92 -8.16 -17.08
N TYR B 289 -15.06 -7.69 -17.55
CA TYR B 289 -15.80 -6.58 -16.93
C TYR B 289 -16.29 -6.97 -15.52
N VAL B 290 -16.85 -8.17 -15.37
CA VAL B 290 -17.39 -8.64 -14.05
C VAL B 290 -16.24 -8.89 -13.09
N THR B 291 -15.12 -9.46 -13.59
CA THR B 291 -13.86 -9.60 -12.82
C THR B 291 -13.42 -8.20 -12.36
N GLY B 292 -13.59 -7.19 -13.21
CA GLY B 292 -13.35 -5.76 -12.88
C GLY B 292 -14.19 -5.28 -11.71
N LEU B 293 -15.47 -5.62 -11.66
CA LEU B 293 -16.36 -5.28 -10.51
C LEU B 293 -15.78 -5.89 -9.21
N GLN B 294 -15.31 -7.14 -9.28
CA GLN B 294 -14.69 -7.88 -8.15
C GLN B 294 -13.42 -7.17 -7.72
N PHE B 295 -12.56 -6.80 -8.66
CA PHE B 295 -11.33 -5.99 -8.41
C PHE B 295 -11.69 -4.69 -7.67
N TRP B 296 -12.77 -4.00 -8.07
CA TRP B 296 -13.15 -2.71 -7.45
C TRP B 296 -13.65 -2.96 -6.03
N ILE B 297 -14.40 -4.04 -5.79
CA ILE B 297 -14.95 -4.35 -4.44
C ILE B 297 -13.80 -4.58 -3.46
N CYS B 298 -12.79 -5.33 -3.89
CA CYS B 298 -11.63 -5.68 -3.02
C CYS B 298 -10.70 -4.48 -2.86
N ALA B 299 -10.43 -3.77 -3.96
CA ALA B 299 -9.64 -2.50 -3.99
C ALA B 299 -10.16 -1.51 -2.92
N ASN B 300 -11.47 -1.33 -2.87
CA ASN B 300 -12.15 -0.37 -1.99
C ASN B 300 -11.85 -0.74 -0.53
N ARG B 301 -12.05 -2.01 -0.17
CA ARG B 301 -11.90 -2.57 1.20
C ARG B 301 -10.42 -2.55 1.57
N ASP B 302 -9.58 -3.14 0.71
CA ASP B 302 -8.12 -3.27 0.94
C ASP B 302 -7.52 -1.88 1.18
N TRP B 303 -7.89 -0.89 0.37
CA TRP B 303 -7.38 0.52 0.45
C TRP B 303 -7.95 1.21 1.68
N SER B 304 -9.28 1.20 1.85
CA SER B 304 -10.00 1.96 2.91
C SER B 304 -9.55 1.52 4.30
N LEU B 305 -9.20 0.24 4.47
CA LEU B 305 -8.79 -0.31 5.79
C LEU B 305 -7.50 0.33 6.30
N THR B 306 -6.68 0.90 5.40
CA THR B 306 -5.36 1.52 5.76
C THR B 306 -5.36 3.02 5.47
N ALA B 307 -6.42 3.56 4.89
CA ALA B 307 -6.50 4.98 4.44
C ALA B 307 -6.55 5.88 5.67
N THR B 308 -5.77 6.96 5.63
CA THR B 308 -5.62 7.95 6.73
C THR B 308 -7.01 8.53 7.03
N ARG B 309 -7.77 8.86 5.97
CA ARG B 309 -9.03 9.64 6.04
C ARG B 309 -10.08 8.89 6.88
N TYR B 310 -9.99 7.57 6.97
CA TYR B 310 -10.95 6.75 7.77
C TYR B 310 -10.32 6.39 9.12
N ALA B 311 -9.12 6.91 9.42
CA ALA B 311 -8.35 6.66 10.67
C ALA B 311 -8.52 7.83 11.63
#